data_4K7C
#
_entry.id   4K7C
#
_cell.length_a   143.432
_cell.length_b   143.432
_cell.length_c   97.170
_cell.angle_alpha   90.00
_cell.angle_beta   90.00
_cell.angle_gamma   120.00
#
_symmetry.space_group_name_H-M   'P 63 2 2'
#
loop_
_entity.id
_entity.type
_entity.pdbx_description
1 polymer 'Aminopeptidase C'
2 non-polymer GLYCEROL
3 water water
#
_entity_poly.entity_id   1
_entity_poly.type   'polypeptide(L)'
_entity_poly.pdbx_seq_one_letter_code
;(MSE)SAEITSGDLDQFKQDLQATPAANALQKAV(MSE)NNGINATAENTDSKVA(MSE)TPTFSIELDTGAVSNQKQSG
RCW(MSE)FAALNT(MSE)RHGIQAQFKIKDFELSQNYTFFWDKFEKSNYFYENVLKTADQPLDSRKVAFLLATPQQDGG
QWD(MSE)LSALIEKYGIVPKSV(MSE)PETYSSSKSNELNGLLNLKLRKDAVTLRKLVADKASDADIEAAKQK(MSE)L
AEDYRILAYTLGNPPTKFDFEYRDDDKNYHIDRELTPQTFFKKYVGWNLDDYQSIINAPTADKPYKHLYTVE(MSE)LGN
VVGGREVRHLNLDIDTFKDLAIKQLKAGESVWFGSDVGQSSDRQLGILDTNIYKKDDLFNTDFT(MSE)TKAERLDYGES
L(MSE)THA(MSE)VLTGVDLVDGKPTKWKVENSWGEKVGEKGYFVASDAWFDQFVYQVVISKKYLPAELQDVIKNEYDK
PTVLAPWDP(MSE)GALA
;
_entity_poly.pdbx_strand_id   A
#
loop_
_chem_comp.id
_chem_comp.type
_chem_comp.name
_chem_comp.formula
GOL non-polymer GLYCEROL 'C3 H8 O3'
#
# COMPACT_ATOMS: atom_id res chain seq x y z
N MSE A 1 -2.85 4.11 47.51
CA MSE A 1 -3.59 3.20 46.57
C MSE A 1 -2.76 2.90 45.32
O MSE A 1 -2.27 3.84 44.60
CB MSE A 1 -4.97 3.80 46.29
CG MSE A 1 -6.02 2.83 45.71
SE MSE A 1 -6.84 3.67 44.10
CE MSE A 1 -8.72 4.01 44.58
N SER A 2 -2.63 1.60 45.06
CA SER A 2 -1.77 1.01 44.02
C SER A 2 -2.22 1.47 42.64
N ALA A 3 -3.53 1.62 42.49
CA ALA A 3 -4.02 1.96 41.19
C ALA A 3 -3.75 3.46 40.80
N GLU A 4 -3.77 4.38 41.76
CA GLU A 4 -3.62 5.78 41.41
C GLU A 4 -2.16 6.22 41.47
N ILE A 5 -1.87 7.34 40.84
CA ILE A 5 -0.54 7.92 40.93
C ILE A 5 -0.57 8.80 42.18
N THR A 6 0.22 8.41 43.19
CA THR A 6 0.38 9.19 44.42
C THR A 6 1.55 10.14 44.45
N SER A 7 1.56 11.02 45.46
CA SER A 7 2.63 11.97 45.64
C SER A 7 3.94 11.23 45.88
N GLY A 8 3.87 10.09 46.59
CA GLY A 8 5.08 9.23 46.87
C GLY A 8 5.67 8.60 45.62
N ASP A 9 4.79 8.26 44.69
CA ASP A 9 5.20 7.66 43.43
C ASP A 9 5.90 8.75 42.60
N LEU A 10 5.29 9.94 42.55
CA LEU A 10 5.89 11.14 41.90
C LEU A 10 7.25 11.52 42.42
N ASP A 11 7.40 11.51 43.74
CA ASP A 11 8.73 11.66 44.31
C ASP A 11 9.70 10.61 43.80
N GLN A 12 9.29 9.36 43.73
CA GLN A 12 10.18 8.35 43.34
C GLN A 12 10.53 8.52 41.80
N PHE A 13 9.57 8.95 40.99
CA PHE A 13 9.81 9.09 39.54
C PHE A 13 10.79 10.24 39.35
N LYS A 14 10.67 11.32 40.12
CA LYS A 14 11.65 12.42 40.05
C LYS A 14 13.06 12.07 40.50
N GLN A 15 13.15 11.20 41.49
CA GLN A 15 14.42 10.63 41.88
C GLN A 15 15.09 9.78 40.82
N ASP A 16 14.29 8.94 40.14
CA ASP A 16 14.72 8.08 39.08
C ASP A 16 15.23 8.94 37.88
N LEU A 17 14.53 10.05 37.65
CA LEU A 17 14.89 10.97 36.58
C LEU A 17 16.25 11.65 36.88
N GLN A 18 16.42 12.09 38.12
CA GLN A 18 17.64 12.77 38.49
C GLN A 18 18.82 11.79 38.59
N ALA A 19 18.55 10.53 38.83
CA ALA A 19 19.62 9.53 38.84
C ALA A 19 20.02 9.10 37.43
N THR A 20 19.25 9.50 36.41
CA THR A 20 19.57 9.11 35.06
C THR A 20 20.85 9.86 34.54
N PRO A 21 21.78 9.13 33.92
CA PRO A 21 22.97 9.81 33.47
C PRO A 21 22.67 10.97 32.52
N ALA A 22 23.20 12.12 32.84
CA ALA A 22 23.09 13.38 32.01
C ALA A 22 21.66 13.86 31.76
N ALA A 23 20.75 13.51 32.68
CA ALA A 23 19.34 13.80 32.48
C ALA A 23 19.09 15.26 32.19
N ASN A 24 19.71 16.15 32.96
CA ASN A 24 19.52 17.59 32.67
C ASN A 24 19.92 18.05 31.27
N ALA A 25 21.08 17.61 30.81
CA ALA A 25 21.54 17.99 29.48
C ALA A 25 20.69 17.34 28.34
N LEU A 26 20.30 16.08 28.52
CA LEU A 26 19.46 15.39 27.53
C LEU A 26 18.05 15.99 27.50
N GLN A 27 17.53 16.38 28.67
CA GLN A 27 16.22 17.01 28.74
C GLN A 27 16.18 18.29 27.89
N LYS A 28 17.19 19.12 28.05
CA LYS A 28 17.28 20.37 27.32
C LYS A 28 17.32 20.10 25.83
N ALA A 29 18.06 19.07 25.42
CA ALA A 29 18.15 18.73 23.97
C ALA A 29 16.78 18.37 23.44
N VAL A 30 16.05 17.51 24.12
CA VAL A 30 14.79 17.03 23.58
C VAL A 30 13.71 18.09 23.70
N MSE A 31 13.69 18.85 24.82
CA MSE A 31 12.73 19.98 24.94
C MSE A 31 12.92 20.94 23.75
O MSE A 31 11.95 21.47 23.21
CB MSE A 31 13.03 20.81 26.21
CG MSE A 31 12.48 20.07 27.44
SE MSE A 31 13.03 21.04 29.08
CE MSE A 31 11.68 22.46 28.96
N ASN A 32 14.15 21.25 23.41
CA ASN A 32 14.48 22.28 22.40
C ASN A 32 14.27 21.81 20.94
N ASN A 33 14.54 20.53 20.67
CA ASN A 33 14.72 19.99 19.28
C ASN A 33 13.79 18.88 18.93
N GLY A 34 13.11 18.33 19.94
CA GLY A 34 12.25 17.20 19.77
C GLY A 34 13.04 15.90 19.68
N ILE A 35 12.27 14.82 19.60
CA ILE A 35 12.80 13.44 19.59
C ILE A 35 13.70 13.09 18.41
N ASN A 36 13.17 13.22 17.22
CA ASN A 36 13.88 12.86 16.00
C ASN A 36 15.20 13.57 15.84
N ALA A 37 15.21 14.89 15.98
CA ALA A 37 16.40 15.64 15.77
C ALA A 37 17.39 15.46 16.87
N THR A 38 16.93 15.01 18.05
CA THR A 38 17.89 14.71 19.14
C THR A 38 18.55 13.32 18.96
N ALA A 39 17.75 12.36 18.55
CA ALA A 39 18.13 10.97 18.44
C ALA A 39 18.74 10.50 17.14
N GLU A 40 18.74 11.32 16.09
CA GLU A 40 19.10 10.86 14.73
C GLU A 40 20.65 10.65 14.71
N ASN A 41 21.01 9.53 14.10
CA ASN A 41 22.33 8.91 14.15
C ASN A 41 23.03 8.96 12.80
N THR A 42 24.10 9.73 12.79
CA THR A 42 24.92 9.89 11.61
C THR A 42 25.60 8.56 11.19
N ASP A 43 25.84 7.64 12.10
CA ASP A 43 26.39 6.29 11.70
C ASP A 43 25.46 5.56 10.68
N SER A 44 24.18 5.74 10.89
CA SER A 44 23.20 5.21 9.94
C SER A 44 23.33 5.90 8.59
N LYS A 45 23.36 7.22 8.61
CA LYS A 45 23.60 7.92 7.35
C LYS A 45 24.82 7.42 6.57
N VAL A 46 25.93 7.18 7.27
CA VAL A 46 27.10 6.61 6.64
C VAL A 46 26.81 5.21 6.05
N ALA A 47 26.19 4.33 6.82
CA ALA A 47 25.91 2.96 6.40
C ALA A 47 24.95 2.90 5.25
N MSE A 48 24.07 3.89 5.14
CA MSE A 48 22.92 3.90 4.19
C MSE A 48 23.22 4.66 2.93
O MSE A 48 22.32 5.12 2.23
CB MSE A 48 21.69 4.35 4.88
CG MSE A 48 21.29 3.42 6.03
SE MSE A 48 20.70 1.67 5.25
CE MSE A 48 22.11 0.52 5.97
N THR A 49 24.47 4.81 2.57
CA THR A 49 24.77 5.48 1.31
CA THR A 49 24.85 5.47 1.34
C THR A 49 24.13 4.70 0.18
N PRO A 50 23.56 5.41 -0.78
CA PRO A 50 22.70 4.75 -1.79
C PRO A 50 23.52 4.12 -2.92
N THR A 51 24.30 3.08 -2.58
CA THR A 51 25.00 2.30 -3.56
C THR A 51 24.56 0.85 -3.45
N PHE A 52 24.30 0.21 -4.59
CA PHE A 52 23.67 -1.09 -4.66
C PHE A 52 24.26 -1.99 -5.73
N SER A 53 24.77 -3.13 -5.30
CA SER A 53 25.40 -4.08 -6.23
C SER A 53 24.42 -4.55 -7.32
N ILE A 54 23.13 -4.63 -7.00
CA ILE A 54 22.07 -4.93 -8.00
C ILE A 54 21.20 -3.70 -8.07
N GLU A 55 21.17 -3.06 -9.21
CA GLU A 55 20.40 -1.85 -9.36
C GLU A 55 19.72 -1.80 -10.70
N LEU A 56 18.40 -1.70 -10.71
CA LEU A 56 17.65 -1.55 -11.96
C LEU A 56 17.68 -0.08 -12.39
N ASP A 57 17.58 0.10 -13.70
CA ASP A 57 17.54 1.45 -14.23
C ASP A 57 16.05 1.86 -14.34
N THR A 58 15.56 2.69 -13.41
CA THR A 58 14.11 2.96 -13.33
C THR A 58 13.71 4.42 -13.53
N GLY A 59 14.67 5.30 -13.77
CA GLY A 59 14.36 6.70 -14.10
C GLY A 59 13.65 7.49 -12.96
N ALA A 60 12.91 8.52 -13.35
CA ALA A 60 12.41 9.51 -12.44
C ALA A 60 11.15 9.04 -11.74
N VAL A 61 10.99 9.49 -10.48
CA VAL A 61 9.81 9.16 -9.69
C VAL A 61 8.52 9.93 -10.01
N SER A 62 7.42 9.34 -9.58
CA SER A 62 6.10 9.95 -9.66
CA SER A 62 6.09 9.92 -9.64
C SER A 62 5.77 10.57 -8.27
N ASN A 63 4.64 11.24 -8.16
CA ASN A 63 4.27 11.95 -6.95
C ASN A 63 2.76 11.94 -6.80
N GLN A 64 2.30 11.23 -5.79
CA GLN A 64 0.88 11.09 -5.45
C GLN A 64 0.25 12.29 -4.77
N LYS A 65 1.07 13.22 -4.33
CA LYS A 65 0.59 14.41 -3.67
C LYS A 65 -0.25 14.10 -2.45
N GLN A 66 -1.32 14.86 -2.22
CA GLN A 66 -2.07 14.72 -1.02
C GLN A 66 -3.20 13.74 -1.29
N SER A 67 -2.78 12.48 -1.45
CA SER A 67 -3.72 11.43 -1.60
C SER A 67 -3.07 10.15 -1.05
N GLY A 68 -3.91 9.15 -0.75
CA GLY A 68 -3.40 7.84 -0.22
C GLY A 68 -3.34 6.76 -1.32
N ARG A 69 -2.72 7.09 -2.46
CA ARG A 69 -2.78 6.25 -3.63
C ARG A 69 -1.46 5.49 -3.78
N CYS A 70 -0.69 5.33 -2.69
N CYS A 70 -0.64 5.33 -2.72
CA CYS A 70 0.65 4.72 -2.84
CA CYS A 70 0.69 4.69 -2.94
C CYS A 70 0.59 3.37 -3.57
C CYS A 70 0.63 3.31 -3.56
N TRP A 71 -0.38 2.53 -3.20
CA TRP A 71 -0.53 1.17 -3.76
C TRP A 71 -0.66 1.19 -5.29
N MSE A 72 -1.41 2.17 -5.79
CA MSE A 72 -1.60 2.38 -7.23
C MSE A 72 -0.36 2.91 -7.94
O MSE A 72 0.05 2.43 -8.96
CB MSE A 72 -2.71 3.39 -7.53
CG MSE A 72 -4.00 3.14 -6.89
SE MSE A 72 -5.18 4.62 -7.45
CE MSE A 72 -6.53 3.75 -6.38
N PHE A 73 0.26 3.92 -7.33
CA PHE A 73 1.50 4.49 -7.84
C PHE A 73 2.55 3.42 -7.93
N ALA A 74 2.66 2.62 -6.86
CA ALA A 74 3.67 1.56 -6.84
C ALA A 74 3.41 0.47 -7.88
N ALA A 75 2.20 0.05 -7.99
CA ALA A 75 1.86 -0.98 -9.02
C ALA A 75 2.14 -0.39 -10.38
N LEU A 76 1.59 0.81 -10.66
CA LEU A 76 1.80 1.40 -11.97
C LEU A 76 3.29 1.67 -12.26
N ASN A 77 4.08 1.87 -11.20
CA ASN A 77 5.51 2.02 -11.37
C ASN A 77 6.11 0.75 -11.95
N THR A 78 5.74 -0.38 -11.43
CA THR A 78 6.26 -1.69 -11.90
C THR A 78 5.93 -1.85 -13.39
N MSE A 79 4.74 -1.45 -13.77
CA MSE A 79 4.27 -1.62 -15.20
C MSE A 79 4.97 -0.63 -16.10
O MSE A 79 5.49 -0.99 -17.14
CB MSE A 79 2.76 -1.36 -15.16
CG MSE A 79 2.03 -2.49 -14.53
SE MSE A 79 0.13 -2.12 -14.43
CE MSE A 79 -0.16 -3.60 -13.25
N ARG A 80 5.06 0.63 -15.66
CA ARG A 80 5.64 1.68 -16.52
C ARG A 80 7.13 1.50 -16.69
N HIS A 81 7.82 0.89 -15.72
CA HIS A 81 9.28 0.63 -15.98
C HIS A 81 9.45 -0.44 -17.13
N GLY A 82 8.53 -1.41 -17.18
CA GLY A 82 8.44 -2.34 -18.30
C GLY A 82 8.24 -1.62 -19.63
N ILE A 83 7.31 -0.67 -19.66
CA ILE A 83 7.04 0.10 -20.87
C ILE A 83 8.22 0.91 -21.30
N GLN A 84 8.80 1.60 -20.33
CA GLN A 84 9.96 2.48 -20.60
C GLN A 84 11.12 1.69 -21.25
N ALA A 85 11.40 0.50 -20.73
CA ALA A 85 12.47 -0.29 -21.24
C ALA A 85 12.12 -0.88 -22.61
N GLN A 86 10.95 -1.51 -22.71
CA GLN A 86 10.56 -2.18 -23.97
C GLN A 86 10.36 -1.19 -25.13
N PHE A 87 9.71 -0.04 -24.89
CA PHE A 87 9.31 0.90 -25.96
C PHE A 87 10.22 2.10 -26.01
N LYS A 88 11.19 2.14 -25.11
CA LYS A 88 12.18 3.25 -25.08
C LYS A 88 11.48 4.58 -24.92
N ILE A 89 10.74 4.67 -23.82
CA ILE A 89 10.09 5.95 -23.47
C ILE A 89 10.52 6.33 -22.05
N LYS A 90 11.60 7.12 -22.01
CA LYS A 90 12.20 7.53 -20.73
C LYS A 90 11.13 8.23 -19.84
N ASP A 91 11.03 7.84 -18.56
CA ASP A 91 10.14 8.52 -17.59
C ASP A 91 8.64 8.46 -17.91
N PHE A 92 8.28 7.55 -18.78
CA PHE A 92 6.86 7.45 -19.16
C PHE A 92 6.00 7.18 -17.91
N GLU A 93 4.84 7.84 -17.82
CA GLU A 93 3.93 7.56 -16.70
C GLU A 93 2.51 7.12 -17.17
N LEU A 94 1.95 6.18 -16.41
CA LEU A 94 0.55 5.80 -16.56
C LEU A 94 -0.31 6.65 -15.69
N SER A 95 -1.61 6.74 -16.02
CA SER A 95 -2.54 7.56 -15.29
C SER A 95 -2.92 6.92 -13.94
N GLN A 96 -2.46 7.53 -12.86
CA GLN A 96 -2.98 7.12 -11.53
C GLN A 96 -4.39 7.60 -11.23
N ASN A 97 -4.88 8.64 -11.92
CA ASN A 97 -6.22 9.10 -11.76
C ASN A 97 -7.20 8.04 -12.35
N TYR A 98 -6.82 7.40 -13.45
CA TYR A 98 -7.63 6.36 -14.10
C TYR A 98 -7.97 5.26 -13.12
N THR A 99 -6.95 4.72 -12.41
CA THR A 99 -7.19 3.67 -11.44
C THR A 99 -7.93 4.21 -10.26
N PHE A 100 -7.77 5.52 -9.97
CA PHE A 100 -8.39 6.12 -8.79
C PHE A 100 -9.89 6.22 -9.02
N PHE A 101 -10.24 6.64 -10.22
CA PHE A 101 -11.66 6.72 -10.57
C PHE A 101 -12.42 5.37 -10.35
N TRP A 102 -11.93 4.30 -11.01
CA TRP A 102 -12.56 2.99 -11.02
C TRP A 102 -12.50 2.34 -9.64
N ASP A 103 -11.43 2.61 -8.91
CA ASP A 103 -11.32 2.14 -7.55
C ASP A 103 -12.44 2.71 -6.66
N LYS A 104 -12.58 4.00 -6.61
CA LYS A 104 -13.67 4.65 -5.89
C LYS A 104 -15.06 4.25 -6.28
N PHE A 105 -15.29 4.13 -7.58
CA PHE A 105 -16.60 3.76 -8.02
C PHE A 105 -16.91 2.29 -7.64
N GLU A 106 -15.97 1.39 -7.86
CA GLU A 106 -16.13 -0.06 -7.51
C GLU A 106 -16.25 -0.17 -6.02
N LYS A 107 -15.44 0.59 -5.27
CA LYS A 107 -15.60 0.56 -3.79
C LYS A 107 -16.98 1.02 -3.28
N SER A 108 -17.63 1.96 -3.97
CA SER A 108 -18.99 2.44 -3.65
C SER A 108 -20.00 1.26 -3.72
N ASN A 109 -19.95 0.52 -4.81
CA ASN A 109 -20.71 -0.71 -5.00
C ASN A 109 -20.35 -1.83 -4.01
N TYR A 110 -19.04 -2.03 -3.82
CA TYR A 110 -18.57 -2.95 -2.76
C TYR A 110 -19.15 -2.66 -1.40
N PHE A 111 -19.13 -1.38 -0.99
CA PHE A 111 -19.70 -0.95 0.26
C PHE A 111 -21.21 -1.25 0.33
N TYR A 112 -21.95 -0.95 -0.72
CA TYR A 112 -23.39 -1.18 -0.70
C TYR A 112 -23.66 -2.68 -0.52
N GLU A 113 -22.87 -3.50 -1.18
CA GLU A 113 -23.10 -4.95 -1.13
C GLU A 113 -22.76 -5.44 0.29
N ASN A 114 -21.74 -4.84 0.89
CA ASN A 114 -21.41 -5.17 2.31
C ASN A 114 -22.48 -4.76 3.30
N VAL A 115 -23.09 -3.60 3.06
CA VAL A 115 -24.17 -3.14 3.84
C VAL A 115 -25.41 -4.07 3.70
N LEU A 116 -25.70 -4.46 2.48
CA LEU A 116 -26.80 -5.41 2.22
C LEU A 116 -26.55 -6.76 2.99
N LYS A 117 -25.35 -7.28 2.88
CA LYS A 117 -25.00 -8.51 3.46
C LYS A 117 -25.05 -8.49 4.98
N THR A 118 -24.89 -7.32 5.60
CA THR A 118 -24.88 -7.23 7.05
C THR A 118 -26.10 -6.51 7.52
N ALA A 119 -27.09 -6.35 6.67
CA ALA A 119 -28.21 -5.51 7.01
C ALA A 119 -29.12 -6.12 8.08
N ASP A 120 -29.00 -7.44 8.28
CA ASP A 120 -29.71 -8.21 9.35
C ASP A 120 -28.95 -8.19 10.71
N GLN A 121 -27.76 -7.60 10.73
CA GLN A 121 -26.95 -7.55 11.92
C GLN A 121 -27.08 -6.19 12.59
N PRO A 122 -26.96 -6.17 13.92
CA PRO A 122 -27.13 -4.91 14.61
C PRO A 122 -26.16 -3.85 14.10
N LEU A 123 -26.66 -2.62 14.06
CA LEU A 123 -25.86 -1.45 13.69
C LEU A 123 -24.57 -1.23 14.52
N ASP A 124 -24.67 -1.53 15.84
CA ASP A 124 -23.54 -1.48 16.74
C ASP A 124 -22.66 -2.73 16.80
N SER A 125 -22.94 -3.71 15.93
CA SER A 125 -22.07 -4.89 15.88
C SER A 125 -20.68 -4.51 15.34
N ARG A 126 -19.66 -5.24 15.72
CA ARG A 126 -18.32 -4.93 15.35
C ARG A 126 -18.12 -4.83 13.82
N LYS A 127 -18.74 -5.73 13.06
CA LYS A 127 -18.51 -5.71 11.62
C LYS A 127 -19.27 -4.55 10.95
N VAL A 128 -20.47 -4.22 11.41
CA VAL A 128 -21.24 -3.12 10.82
C VAL A 128 -20.52 -1.82 11.18
N ALA A 129 -20.03 -1.76 12.43
CA ALA A 129 -19.31 -0.53 12.86
C ALA A 129 -18.07 -0.35 12.02
N PHE A 130 -17.36 -1.43 11.72
CA PHE A 130 -16.10 -1.35 10.92
C PHE A 130 -16.31 -0.85 9.50
N LEU A 131 -17.34 -1.38 8.87
CA LEU A 131 -17.87 -0.85 7.60
C LEU A 131 -18.16 0.63 7.56
N LEU A 132 -18.90 1.10 8.57
CA LEU A 132 -19.41 2.48 8.56
C LEU A 132 -18.29 3.43 8.97
N ALA A 133 -17.33 2.93 9.70
CA ALA A 133 -16.23 3.79 10.17
C ALA A 133 -15.37 4.24 8.98
N THR A 134 -15.25 3.37 7.95
CA THR A 134 -14.46 3.68 6.81
C THR A 134 -15.13 3.20 5.52
N PRO A 135 -16.20 3.89 5.10
CA PRO A 135 -16.93 3.31 3.94
C PRO A 135 -16.08 3.02 2.70
N GLN A 136 -15.22 3.95 2.33
CA GLN A 136 -14.15 3.68 1.42
C GLN A 136 -12.95 4.51 1.83
N GLN A 137 -11.83 4.28 1.18
CA GLN A 137 -10.66 5.11 1.38
C GLN A 137 -9.77 5.03 0.16
N ASP A 138 -8.72 5.82 0.14
CA ASP A 138 -7.76 5.82 -0.98
C ASP A 138 -6.94 4.57 -1.13
N GLY A 139 -6.55 3.92 -0.02
CA GLY A 139 -5.66 2.82 -0.06
C GLY A 139 -6.19 1.50 -0.62
N GLY A 140 -5.23 0.59 -0.80
CA GLY A 140 -5.57 -0.75 -1.25
C GLY A 140 -4.44 -1.75 -1.14
N GLN A 141 -4.62 -2.88 -1.83
N GLN A 141 -4.60 -2.81 -1.92
CA GLN A 141 -3.64 -3.93 -1.89
CA GLN A 141 -3.67 -3.89 -1.99
C GLN A 141 -3.48 -4.38 -3.35
C GLN A 141 -3.45 -4.33 -3.43
N TRP A 142 -2.40 -5.11 -3.63
CA TRP A 142 -2.00 -5.50 -4.97
C TRP A 142 -3.14 -6.18 -5.76
N ASP A 143 -3.85 -7.12 -5.12
CA ASP A 143 -4.87 -7.90 -5.85
C ASP A 143 -6.06 -7.02 -6.24
N MSE A 144 -6.33 -6.00 -5.43
CA MSE A 144 -7.35 -4.98 -5.78
C MSE A 144 -6.92 -4.10 -6.94
O MSE A 144 -7.74 -3.70 -7.76
CB MSE A 144 -7.60 -4.13 -4.52
CG MSE A 144 -8.35 -4.93 -3.47
SE MSE A 144 -8.26 -4.10 -1.69
CE MSE A 144 -9.24 -2.43 -1.99
N LEU A 145 -5.63 -3.82 -7.09
CA LEU A 145 -5.22 -3.04 -8.25
C LEU A 145 -5.32 -3.94 -9.50
N SER A 146 -4.84 -5.17 -9.40
CA SER A 146 -5.05 -6.11 -10.50
C SER A 146 -6.47 -6.24 -10.94
N ALA A 147 -7.39 -6.37 -10.00
CA ALA A 147 -8.78 -6.47 -10.30
C ALA A 147 -9.23 -5.30 -11.19
N LEU A 148 -8.75 -4.09 -10.85
CA LEU A 148 -9.08 -2.93 -11.62
C LEU A 148 -8.53 -2.95 -13.01
N ILE A 149 -7.30 -3.43 -13.16
CA ILE A 149 -6.66 -3.45 -14.45
C ILE A 149 -7.29 -4.50 -15.35
N GLU A 150 -7.63 -5.65 -14.75
CA GLU A 150 -8.32 -6.73 -15.47
C GLU A 150 -9.63 -6.19 -16.04
N LYS A 151 -10.36 -5.40 -15.29
CA LYS A 151 -11.69 -5.01 -15.73
C LYS A 151 -11.66 -3.76 -16.66
N TYR A 152 -10.70 -2.86 -16.40
CA TYR A 152 -10.69 -1.53 -17.02
C TYR A 152 -9.51 -1.07 -17.84
N GLY A 153 -8.47 -1.84 -17.77
CA GLY A 153 -7.19 -1.55 -18.40
C GLY A 153 -6.48 -0.36 -17.83
N ILE A 154 -5.73 0.34 -18.64
CA ILE A 154 -4.95 1.47 -18.16
C ILE A 154 -4.73 2.40 -19.34
N VAL A 155 -4.37 3.63 -19.03
CA VAL A 155 -4.04 4.65 -20.00
C VAL A 155 -2.76 5.45 -19.60
N PRO A 156 -2.09 6.03 -20.59
CA PRO A 156 -1.05 7.02 -20.30
C PRO A 156 -1.60 8.12 -19.41
N LYS A 157 -0.71 8.65 -18.59
CA LYS A 157 -1.02 9.80 -17.77
C LYS A 157 -1.56 10.99 -18.56
N SER A 158 -0.97 11.31 -19.69
CA SER A 158 -1.44 12.40 -20.54
C SER A 158 -2.87 12.26 -20.98
N VAL A 159 -3.40 11.03 -20.96
CA VAL A 159 -4.74 10.75 -21.47
C VAL A 159 -5.83 10.87 -20.42
N MSE A 160 -5.48 10.71 -19.16
CA MSE A 160 -6.36 11.01 -18.03
C MSE A 160 -5.51 11.71 -16.93
O MSE A 160 -5.02 11.04 -15.99
CB MSE A 160 -7.09 9.86 -17.39
CG MSE A 160 -8.20 10.48 -16.64
SE MSE A 160 -9.38 9.09 -15.85
CE MSE A 160 -10.82 10.20 -15.14
N PRO A 161 -5.28 13.00 -17.12
CA PRO A 161 -4.46 13.77 -16.21
C PRO A 161 -5.06 13.91 -14.81
N GLU A 162 -4.23 14.32 -13.89
CA GLU A 162 -4.69 14.70 -12.57
C GLU A 162 -5.70 15.89 -12.60
N THR A 163 -6.52 15.88 -11.59
CA THR A 163 -7.41 16.98 -11.25
C THR A 163 -7.09 17.48 -9.81
N TYR A 164 -7.81 18.50 -9.39
CA TYR A 164 -7.73 19.00 -8.00
C TYR A 164 -7.88 17.88 -7.03
N SER A 165 -8.94 17.07 -7.15
CA SER A 165 -9.31 16.11 -6.14
C SER A 165 -8.38 14.89 -6.20
N SER A 166 -7.89 14.55 -7.38
CA SER A 166 -7.06 13.34 -7.47
C SER A 166 -5.76 13.54 -6.73
N SER A 167 -5.26 14.77 -6.73
CA SER A 167 -4.01 15.13 -6.09
C SER A 167 -4.23 15.78 -4.66
N LYS A 168 -5.50 15.89 -4.22
CA LYS A 168 -5.87 16.40 -2.91
C LYS A 168 -7.26 15.87 -2.60
N SER A 169 -7.30 14.59 -2.19
CA SER A 169 -8.54 13.82 -2.16
C SER A 169 -9.40 13.97 -0.93
N ASN A 170 -8.93 14.78 0.03
N ASN A 170 -8.94 14.78 0.03
CA ASN A 170 -9.68 14.87 1.31
CA ASN A 170 -9.68 14.92 1.31
C ASN A 170 -11.14 15.24 1.17
C ASN A 170 -11.15 15.24 1.16
N GLU A 171 -11.47 16.24 0.36
CA GLU A 171 -12.86 16.70 0.21
C GLU A 171 -13.74 15.63 -0.52
N LEU A 172 -13.15 14.99 -1.51
CA LEU A 172 -13.84 13.90 -2.21
C LEU A 172 -14.13 12.75 -1.22
N ASN A 173 -13.14 12.32 -0.43
CA ASN A 173 -13.42 11.24 0.51
C ASN A 173 -14.49 11.67 1.53
N GLY A 174 -14.42 12.92 2.00
CA GLY A 174 -15.44 13.39 2.96
C GLY A 174 -16.85 13.32 2.41
N LEU A 175 -17.03 13.80 1.17
CA LEU A 175 -18.38 13.86 0.56
C LEU A 175 -18.82 12.47 0.12
N LEU A 176 -17.88 11.65 -0.34
CA LEU A 176 -18.31 10.33 -0.81
C LEU A 176 -18.70 9.47 0.42
N ASN A 177 -17.93 9.60 1.48
CA ASN A 177 -18.23 8.84 2.70
C ASN A 177 -19.57 9.24 3.25
N LEU A 178 -19.89 10.53 3.16
CA LEU A 178 -21.17 11.03 3.67
C LEU A 178 -22.29 10.41 2.85
N LYS A 179 -22.09 10.45 1.54
CA LYS A 179 -23.06 9.87 0.57
C LYS A 179 -23.30 8.36 0.87
N LEU A 180 -22.22 7.61 1.02
CA LEU A 180 -22.32 6.18 1.23
C LEU A 180 -22.99 5.87 2.54
N ARG A 181 -22.67 6.64 3.56
CA ARG A 181 -23.38 6.45 4.86
C ARG A 181 -24.88 6.74 4.82
N LYS A 182 -25.29 7.78 4.14
CA LYS A 182 -26.64 8.16 3.96
C LYS A 182 -27.35 7.04 3.22
N ASP A 183 -26.72 6.58 2.17
CA ASP A 183 -27.28 5.45 1.39
C ASP A 183 -27.36 4.13 2.22
N ALA A 184 -26.42 3.89 3.14
CA ALA A 184 -26.47 2.73 4.02
C ALA A 184 -27.72 2.78 4.87
N VAL A 185 -28.11 3.96 5.32
CA VAL A 185 -29.36 4.10 6.05
C VAL A 185 -30.57 3.56 5.24
N THR A 186 -30.62 3.99 3.99
CA THR A 186 -31.72 3.69 3.09
C THR A 186 -31.70 2.18 2.80
N LEU A 187 -30.53 1.64 2.56
CA LEU A 187 -30.37 0.19 2.24
C LEU A 187 -30.78 -0.72 3.41
N ARG A 188 -30.34 -0.38 4.63
CA ARG A 188 -30.81 -1.13 5.82
C ARG A 188 -32.31 -1.06 6.02
N LYS A 189 -32.86 0.11 5.77
CA LYS A 189 -34.29 0.32 5.86
C LYS A 189 -35.08 -0.58 4.86
N LEU A 190 -34.67 -0.54 3.60
CA LEU A 190 -35.19 -1.45 2.59
C LEU A 190 -35.16 -2.91 3.04
N VAL A 191 -34.04 -3.40 3.54
CA VAL A 191 -33.98 -4.77 4.00
C VAL A 191 -34.93 -4.96 5.23
N ALA A 192 -35.01 -3.97 6.12
CA ALA A 192 -35.92 -4.07 7.29
C ALA A 192 -37.39 -4.15 6.86
N ASP A 193 -37.71 -3.39 5.82
CA ASP A 193 -39.07 -3.28 5.28
C ASP A 193 -39.45 -4.40 4.33
N LYS A 194 -38.59 -5.39 4.20
CA LYS A 194 -38.74 -6.57 3.34
C LYS A 194 -38.98 -6.19 1.91
N ALA A 195 -38.26 -5.17 1.45
CA ALA A 195 -38.32 -4.86 0.03
C ALA A 195 -37.81 -6.02 -0.86
N SER A 196 -38.38 -6.08 -2.07
CA SER A 196 -37.93 -7.10 -3.07
C SER A 196 -36.49 -6.86 -3.49
N ASP A 197 -35.85 -7.92 -3.93
CA ASP A 197 -34.54 -7.82 -4.54
C ASP A 197 -34.50 -6.81 -5.69
N ALA A 198 -35.59 -6.67 -6.43
CA ALA A 198 -35.61 -5.80 -7.57
C ALA A 198 -35.69 -4.31 -7.18
N ASP A 199 -36.48 -4.01 -6.15
CA ASP A 199 -36.53 -2.66 -5.62
C ASP A 199 -35.18 -2.27 -4.99
N ILE A 200 -34.55 -3.21 -4.34
CA ILE A 200 -33.29 -2.95 -3.68
C ILE A 200 -32.19 -2.71 -4.76
N GLU A 201 -32.13 -3.60 -5.76
CA GLU A 201 -31.28 -3.34 -6.98
C GLU A 201 -31.54 -2.02 -7.66
N ALA A 202 -32.80 -1.59 -7.81
CA ALA A 202 -33.12 -0.31 -8.46
C ALA A 202 -32.58 0.89 -7.61
N ALA A 203 -32.77 0.75 -6.31
CA ALA A 203 -32.31 1.78 -5.40
C ALA A 203 -30.76 1.93 -5.54
N LYS A 204 -30.10 0.80 -5.48
CA LYS A 204 -28.62 0.75 -5.58
C LYS A 204 -28.20 1.39 -6.90
N GLN A 205 -28.89 1.10 -8.01
CA GLN A 205 -28.51 1.70 -9.30
C GLN A 205 -28.67 3.22 -9.32
N LYS A 206 -29.68 3.77 -8.66
CA LYS A 206 -29.87 5.20 -8.60
C LYS A 206 -28.70 5.79 -7.76
N MSE A 207 -28.36 5.12 -6.65
CA MSE A 207 -27.25 5.55 -5.72
C MSE A 207 -25.94 5.60 -6.49
O MSE A 207 -25.20 6.59 -6.41
CB MSE A 207 -27.07 4.62 -4.55
CG MSE A 207 -28.31 4.68 -3.67
SE MSE A 207 -28.21 3.16 -2.41
CE MSE A 207 -29.92 3.70 -1.67
N LEU A 208 -25.69 4.58 -7.27
CA LEU A 208 -24.48 4.47 -8.10
C LEU A 208 -24.44 5.52 -9.17
N ALA A 209 -25.58 5.89 -9.77
CA ALA A 209 -25.63 6.94 -10.80
C ALA A 209 -25.13 8.26 -10.20
N GLU A 210 -25.58 8.55 -9.00
CA GLU A 210 -25.13 9.73 -8.25
C GLU A 210 -23.66 9.63 -7.92
N ASP A 211 -23.17 8.51 -7.40
CA ASP A 211 -21.77 8.34 -7.14
C ASP A 211 -20.90 8.52 -8.41
N TYR A 212 -21.37 7.98 -9.53
CA TYR A 212 -20.71 8.14 -10.79
C TYR A 212 -20.50 9.64 -11.11
N ARG A 213 -21.54 10.42 -10.95
CA ARG A 213 -21.50 11.85 -11.19
C ARG A 213 -20.54 12.63 -10.26
N ILE A 214 -20.51 12.27 -8.98
CA ILE A 214 -19.53 12.85 -8.02
C ILE A 214 -18.09 12.59 -8.45
N LEU A 215 -17.83 11.37 -8.92
CA LEU A 215 -16.50 11.06 -9.43
C LEU A 215 -16.16 11.67 -10.80
N ALA A 216 -17.14 11.77 -11.70
CA ALA A 216 -16.92 12.38 -13.01
C ALA A 216 -16.63 13.86 -12.79
N TYR A 217 -17.39 14.47 -11.89
CA TYR A 217 -17.14 15.91 -11.63
C TYR A 217 -15.76 16.15 -10.96
N THR A 218 -15.40 15.31 -10.02
CA THR A 218 -14.11 15.44 -9.31
C THR A 218 -12.88 15.05 -10.06
N LEU A 219 -13.01 13.98 -10.86
CA LEU A 219 -11.88 13.27 -11.43
C LEU A 219 -11.82 13.28 -12.96
N GLY A 220 -12.94 13.61 -13.59
CA GLY A 220 -13.08 13.61 -15.08
C GLY A 220 -13.79 12.33 -15.58
N ASN A 221 -14.01 12.33 -16.89
CA ASN A 221 -14.61 11.19 -17.55
C ASN A 221 -13.54 10.19 -17.91
N PRO A 222 -13.73 8.95 -17.52
CA PRO A 222 -12.75 7.95 -17.98
C PRO A 222 -12.76 7.76 -19.45
N PRO A 223 -11.60 7.76 -20.05
CA PRO A 223 -11.54 7.58 -21.49
C PRO A 223 -11.95 6.14 -21.95
N THR A 224 -12.50 6.04 -23.14
CA THR A 224 -12.82 4.77 -23.74
C THR A 224 -12.03 4.47 -25.06
N LYS A 225 -11.57 5.48 -25.73
CA LYS A 225 -10.86 5.35 -27.00
CA LYS A 225 -10.83 5.32 -26.99
C LYS A 225 -9.91 6.53 -27.17
N PHE A 226 -8.64 6.27 -27.50
CA PHE A 226 -7.73 7.42 -27.70
C PHE A 226 -6.60 7.06 -28.65
N ASP A 227 -5.96 8.09 -29.18
CA ASP A 227 -4.69 7.94 -29.91
C ASP A 227 -3.51 8.19 -28.99
N PHE A 228 -2.43 7.45 -29.20
CA PHE A 228 -1.21 7.57 -28.40
C PHE A 228 -0.09 8.00 -29.35
N GLU A 229 0.49 9.20 -29.14
CA GLU A 229 1.58 9.70 -29.93
C GLU A 229 2.78 9.99 -28.97
N TYR A 230 3.97 9.57 -29.33
CA TYR A 230 5.16 9.77 -28.53
C TYR A 230 6.43 9.69 -29.41
N ARG A 231 7.52 10.19 -28.85
CA ARG A 231 8.86 10.01 -29.38
C ARG A 231 9.64 9.13 -28.44
N ASP A 232 10.25 8.09 -29.02
CA ASP A 232 11.09 7.19 -28.27
C ASP A 232 12.45 7.84 -27.95
N ASP A 233 13.28 7.13 -27.20
CA ASP A 233 14.55 7.62 -26.71
C ASP A 233 15.53 7.81 -27.87
N ASP A 234 15.28 7.20 -29.04
CA ASP A 234 16.12 7.43 -30.28
C ASP A 234 15.59 8.53 -31.14
N LYS A 235 14.58 9.19 -30.61
CA LYS A 235 13.93 10.38 -31.17
C LYS A 235 13.00 10.09 -32.32
N ASN A 236 12.57 8.85 -32.46
CA ASN A 236 11.65 8.49 -33.50
C ASN A 236 10.21 8.69 -33.02
N TYR A 237 9.41 9.29 -33.90
CA TYR A 237 8.00 9.53 -33.64
C TYR A 237 7.19 8.26 -33.89
N HIS A 238 6.17 8.06 -33.06
CA HIS A 238 5.22 6.94 -33.16
C HIS A 238 3.80 7.43 -32.90
N ILE A 239 2.84 6.88 -33.67
CA ILE A 239 1.44 7.12 -33.44
C ILE A 239 0.66 5.81 -33.50
N ASP A 240 -0.16 5.58 -32.49
CA ASP A 240 -0.92 4.36 -32.40
C ASP A 240 -2.38 4.83 -32.19
N ARG A 241 -3.24 4.55 -33.17
CA ARG A 241 -4.59 5.08 -33.20
C ARG A 241 -5.71 4.19 -32.69
N GLU A 242 -6.74 4.82 -32.14
CA GLU A 242 -7.94 4.14 -31.70
C GLU A 242 -7.71 2.97 -30.69
N LEU A 243 -6.80 3.20 -29.77
CA LEU A 243 -6.60 2.30 -28.65
C LEU A 243 -7.77 2.45 -27.67
N THR A 244 -8.01 1.35 -26.89
CA THR A 244 -8.84 1.44 -25.72
C THR A 244 -7.90 1.26 -24.49
N PRO A 245 -8.42 1.51 -23.26
CA PRO A 245 -7.60 1.23 -22.04
C PRO A 245 -7.18 -0.24 -22.00
N GLN A 246 -8.06 -1.11 -22.46
CA GLN A 246 -7.72 -2.53 -22.49
CA GLN A 246 -7.77 -2.57 -22.55
C GLN A 246 -6.77 -2.96 -23.59
N THR A 247 -6.91 -2.46 -24.82
CA THR A 247 -5.89 -2.75 -25.82
C THR A 247 -4.51 -2.10 -25.52
N PHE A 248 -4.52 -0.92 -24.96
CA PHE A 248 -3.27 -0.27 -24.49
C PHE A 248 -2.60 -1.17 -23.45
N PHE A 249 -3.33 -1.61 -22.45
CA PHE A 249 -2.73 -2.52 -21.50
C PHE A 249 -2.13 -3.76 -22.17
N LYS A 250 -2.93 -4.42 -22.99
N LYS A 250 -2.93 -4.43 -23.02
CA LYS A 250 -2.49 -5.66 -23.66
CA LYS A 250 -2.46 -5.65 -23.70
C LYS A 250 -1.23 -5.43 -24.51
C LYS A 250 -1.19 -5.41 -24.47
N LYS A 251 -1.13 -4.31 -25.20
CA LYS A 251 0.00 -4.06 -26.12
C LYS A 251 1.25 -3.52 -25.46
N TYR A 252 1.09 -2.60 -24.52
CA TYR A 252 2.23 -1.89 -23.94
C TYR A 252 2.74 -2.52 -22.65
N VAL A 253 1.86 -3.24 -21.94
CA VAL A 253 2.28 -3.95 -20.75
C VAL A 253 2.30 -5.44 -21.00
N GLY A 254 1.16 -6.03 -21.32
CA GLY A 254 1.18 -7.40 -21.82
C GLY A 254 1.29 -8.50 -20.77
N TRP A 255 1.08 -8.18 -19.48
CA TRP A 255 1.14 -9.15 -18.41
C TRP A 255 -0.14 -9.98 -18.32
N ASN A 256 0.05 -11.20 -17.81
CA ASN A 256 -1.02 -12.02 -17.34
C ASN A 256 -0.96 -11.85 -15.84
N LEU A 257 -2.01 -11.20 -15.35
CA LEU A 257 -2.11 -10.77 -13.97
C LEU A 257 -2.25 -11.97 -13.04
N ASP A 258 -2.62 -13.12 -13.60
CA ASP A 258 -2.51 -14.32 -12.82
C ASP A 258 -1.14 -14.78 -12.39
N ASP A 259 -0.09 -14.29 -13.07
CA ASP A 259 1.24 -14.75 -12.89
C ASP A 259 1.80 -14.26 -11.54
N TYR A 260 1.05 -13.42 -10.77
CA TYR A 260 1.64 -12.67 -9.58
C TYR A 260 1.03 -13.13 -8.30
N GLN A 261 1.85 -13.30 -7.29
CA GLN A 261 1.36 -13.71 -5.99
C GLN A 261 1.80 -12.68 -4.91
N SER A 262 0.82 -12.27 -4.13
CA SER A 262 1.03 -11.49 -2.93
C SER A 262 1.58 -12.42 -1.87
N ILE A 263 2.75 -12.07 -1.38
CA ILE A 263 3.44 -12.80 -0.30
C ILE A 263 3.50 -11.91 0.91
N ILE A 264 3.16 -12.48 2.07
CA ILE A 264 3.26 -11.70 3.35
C ILE A 264 4.22 -12.38 4.27
N ASN A 265 4.68 -11.62 5.30
CA ASN A 265 5.45 -12.18 6.39
C ASN A 265 4.81 -11.62 7.65
N ALA A 266 3.89 -12.39 8.22
CA ALA A 266 3.18 -12.01 9.39
C ALA A 266 3.39 -13.17 10.42
N PRO A 267 4.42 -13.05 11.27
CA PRO A 267 4.90 -14.18 12.04
C PRO A 267 4.10 -14.40 13.35
N THR A 268 2.82 -14.43 13.23
CA THR A 268 1.94 -14.52 14.39
C THR A 268 1.36 -15.92 14.47
N ALA A 269 0.90 -16.27 15.66
CA ALA A 269 0.48 -17.67 15.89
C ALA A 269 -0.75 -18.09 15.07
N ASP A 270 -1.64 -17.16 14.75
CA ASP A 270 -2.83 -17.47 13.96
C ASP A 270 -2.52 -17.67 12.45
N LYS A 271 -1.27 -17.45 12.03
CA LYS A 271 -0.90 -17.45 10.61
C LYS A 271 0.26 -18.37 10.29
N PRO A 272 0.04 -19.71 10.36
CA PRO A 272 1.13 -20.53 9.96
C PRO A 272 1.54 -20.30 8.50
N TYR A 273 2.80 -20.54 8.27
CA TYR A 273 3.45 -20.31 6.98
C TYR A 273 3.00 -21.33 5.92
N LYS A 274 3.21 -20.99 4.67
CA LYS A 274 2.83 -21.92 3.53
C LYS A 274 1.35 -22.21 3.46
N HIS A 275 0.54 -21.18 3.67
CA HIS A 275 -0.85 -21.22 3.40
C HIS A 275 -1.30 -19.87 2.84
N LEU A 276 -2.45 -19.90 2.23
CA LEU A 276 -3.12 -18.71 1.80
C LEU A 276 -4.13 -18.15 2.72
N TYR A 277 -4.15 -16.81 2.73
CA TYR A 277 -5.03 -16.04 3.58
C TYR A 277 -5.78 -15.00 2.81
N THR A 278 -7.02 -14.73 3.24
CA THR A 278 -7.76 -13.58 2.77
C THR A 278 -8.33 -12.83 3.96
N VAL A 279 -8.97 -11.70 3.69
CA VAL A 279 -9.52 -10.83 4.70
C VAL A 279 -10.98 -10.61 4.44
N GLU A 280 -11.79 -10.97 5.44
CA GLU A 280 -13.21 -10.86 5.31
C GLU A 280 -13.67 -9.46 4.93
N MSE A 281 -14.58 -9.38 3.96
N MSE A 281 -14.60 -9.38 3.96
N MSE A 281 -14.53 -9.45 3.90
CA MSE A 281 -15.19 -8.11 3.52
CA MSE A 281 -15.21 -8.10 3.54
CA MSE A 281 -15.20 -8.26 3.36
C MSE A 281 -14.25 -7.18 2.81
C MSE A 281 -14.20 -7.12 2.98
C MSE A 281 -14.24 -7.19 2.91
O MSE A 281 -14.69 -6.13 2.36
O MSE A 281 -14.52 -5.94 2.84
O MSE A 281 -14.63 -6.03 2.76
CB MSE A 281 -15.78 -7.21 4.63
CB MSE A 281 -16.03 -7.40 4.66
CB MSE A 281 -16.21 -7.72 4.37
CG MSE A 281 -17.17 -7.69 5.02
CG MSE A 281 -17.33 -8.12 5.04
CG MSE A 281 -17.50 -8.55 4.38
SE MSE A 281 -18.10 -6.38 6.17
SE MSE A 281 -18.06 -7.61 6.84
SE MSE A 281 -18.87 -7.55 5.41
CE MSE A 281 -16.72 -5.59 7.34
CE MSE A 281 -16.95 -6.02 7.33
CE MSE A 281 -17.57 -6.44 6.42
N LEU A 282 -12.97 -7.55 2.66
CA LEU A 282 -11.95 -6.60 2.10
C LEU A 282 -11.91 -6.70 0.54
N GLY A 283 -11.94 -5.58 -0.16
CA GLY A 283 -12.11 -5.62 -1.63
C GLY A 283 -12.49 -4.33 -2.27
N ASN A 284 -12.54 -4.32 -3.62
CA ASN A 284 -13.13 -3.22 -4.32
C ASN A 284 -14.07 -3.69 -5.44
N VAL A 285 -13.65 -4.69 -6.20
CA VAL A 285 -14.40 -4.97 -7.46
C VAL A 285 -15.28 -6.22 -7.20
N VAL A 286 -16.56 -6.00 -6.99
CA VAL A 286 -17.49 -7.13 -6.84
C VAL A 286 -17.43 -7.91 -8.13
N GLY A 287 -17.23 -9.22 -7.97
CA GLY A 287 -17.15 -10.09 -9.09
C GLY A 287 -15.74 -10.28 -9.60
N GLY A 288 -14.77 -9.51 -9.12
CA GLY A 288 -13.42 -9.63 -9.59
C GLY A 288 -12.65 -10.44 -8.60
N ARG A 289 -11.38 -10.60 -8.88
CA ARG A 289 -10.56 -11.45 -8.05
C ARG A 289 -10.44 -10.95 -6.60
N GLU A 290 -10.30 -11.89 -5.67
CA GLU A 290 -10.19 -11.55 -4.25
C GLU A 290 -8.76 -11.44 -3.82
N VAL A 291 -8.56 -10.87 -2.64
CA VAL A 291 -7.23 -10.81 -2.00
C VAL A 291 -6.82 -12.24 -1.58
N ARG A 292 -5.59 -12.59 -1.96
CA ARG A 292 -4.91 -13.85 -1.54
C ARG A 292 -3.44 -13.62 -1.16
N HIS A 293 -3.10 -13.77 0.13
CA HIS A 293 -1.78 -13.62 0.60
C HIS A 293 -1.23 -14.99 0.99
N LEU A 294 -0.04 -15.28 0.54
CA LEU A 294 0.76 -16.45 0.93
C LEU A 294 1.78 -16.01 2.01
N ASN A 295 1.58 -16.53 3.23
CA ASN A 295 2.48 -16.22 4.31
C ASN A 295 3.69 -17.10 4.31
N LEU A 296 4.88 -16.49 4.28
CA LEU A 296 6.14 -17.18 4.31
C LEU A 296 7.09 -16.54 5.33
N ASP A 297 8.03 -17.35 5.79
CA ASP A 297 9.09 -16.89 6.68
CA ASP A 297 9.06 -16.85 6.69
C ASP A 297 9.94 -15.82 5.98
N ILE A 298 10.59 -15.00 6.77
CA ILE A 298 11.30 -13.81 6.27
C ILE A 298 12.47 -14.16 5.43
N ASP A 299 13.20 -15.23 5.70
CA ASP A 299 14.32 -15.59 4.79
C ASP A 299 13.88 -15.94 3.34
N THR A 300 12.82 -16.75 3.27
CA THR A 300 12.24 -17.23 1.97
C THR A 300 11.64 -16.01 1.22
N PHE A 301 10.97 -15.17 1.99
CA PHE A 301 10.34 -13.92 1.47
C PHE A 301 11.44 -13.10 0.82
N LYS A 302 12.49 -12.82 1.60
CA LYS A 302 13.58 -12.00 1.07
C LYS A 302 14.32 -12.64 -0.11
N ASP A 303 14.58 -13.95 -0.02
CA ASP A 303 15.25 -14.64 -1.16
C ASP A 303 14.49 -14.56 -2.47
N LEU A 304 13.15 -14.62 -2.40
CA LEU A 304 12.30 -14.37 -3.58
C LEU A 304 12.41 -12.99 -4.15
N ALA A 305 12.42 -11.97 -3.25
CA ALA A 305 12.65 -10.62 -3.73
C ALA A 305 13.95 -10.43 -4.44
N ILE A 306 15.05 -10.95 -3.85
CA ILE A 306 16.34 -10.91 -4.47
C ILE A 306 16.41 -11.61 -5.86
N LYS A 307 15.80 -12.78 -5.95
CA LYS A 307 15.71 -13.55 -7.18
C LYS A 307 15.01 -12.72 -8.30
N GLN A 308 13.93 -12.06 -7.95
CA GLN A 308 13.20 -11.22 -8.87
C GLN A 308 14.07 -10.00 -9.31
N LEU A 309 14.67 -9.32 -8.34
CA LEU A 309 15.62 -8.25 -8.67
C LEU A 309 16.77 -8.67 -9.58
N LYS A 310 17.33 -9.86 -9.32
CA LYS A 310 18.49 -10.33 -10.06
C LYS A 310 18.08 -10.66 -11.53
N ALA A 311 16.79 -10.96 -11.72
CA ALA A 311 16.20 -11.13 -13.04
C ALA A 311 15.86 -9.85 -13.76
N GLY A 312 16.02 -8.68 -13.12
CA GLY A 312 15.80 -7.41 -13.76
C GLY A 312 14.38 -6.88 -13.57
N GLU A 313 13.66 -7.40 -12.57
CA GLU A 313 12.29 -6.95 -12.37
C GLU A 313 12.14 -6.36 -10.94
N SER A 314 11.51 -5.21 -10.91
CA SER A 314 11.17 -4.50 -9.68
C SER A 314 10.08 -5.18 -8.86
N VAL A 315 10.00 -4.87 -7.60
CA VAL A 315 9.15 -5.62 -6.72
C VAL A 315 8.24 -4.70 -5.89
N TRP A 316 6.93 -4.76 -6.08
CA TRP A 316 5.99 -4.02 -5.28
C TRP A 316 6.05 -4.59 -3.85
N PHE A 317 6.13 -3.67 -2.89
CA PHE A 317 6.14 -4.05 -1.46
C PHE A 317 5.40 -3.12 -0.55
N GLY A 318 4.86 -3.73 0.54
CA GLY A 318 4.12 -3.08 1.59
C GLY A 318 4.88 -3.06 2.90
N SER A 319 4.93 -1.89 3.53
CA SER A 319 5.72 -1.68 4.76
C SER A 319 5.06 -0.65 5.69
N ASP A 320 5.61 -0.53 6.89
CA ASP A 320 5.18 0.53 7.82
C ASP A 320 6.22 1.63 7.73
N VAL A 321 6.03 2.58 6.80
CA VAL A 321 7.09 3.50 6.45
C VAL A 321 7.37 4.50 7.57
N GLY A 322 6.39 4.73 8.43
CA GLY A 322 6.52 5.64 9.60
C GLY A 322 7.38 5.12 10.72
N GLN A 323 7.70 3.84 10.69
CA GLN A 323 8.61 3.23 11.70
C GLN A 323 10.05 3.54 11.37
N SER A 324 10.80 4.05 12.37
CA SER A 324 12.28 4.08 12.34
C SER A 324 12.78 4.59 10.99
N SER A 325 12.29 5.79 10.65
CA SER A 325 12.51 6.36 9.38
C SER A 325 12.76 7.86 9.40
N ASP A 326 13.67 8.31 8.56
CA ASP A 326 13.80 9.75 8.28
C ASP A 326 13.20 9.92 6.84
N ARG A 327 12.01 10.47 6.80
CA ARG A 327 11.22 10.59 5.56
C ARG A 327 11.54 11.77 4.68
N GLN A 328 12.47 12.59 5.13
CA GLN A 328 13.03 13.63 4.31
C GLN A 328 14.27 13.15 3.62
N LEU A 329 15.21 12.59 4.35
CA LEU A 329 16.46 12.08 3.78
C LEU A 329 16.19 10.74 3.07
N GLY A 330 15.05 10.13 3.38
CA GLY A 330 14.70 8.80 2.82
C GLY A 330 15.49 7.62 3.30
N ILE A 331 15.75 7.59 4.60
CA ILE A 331 16.48 6.51 5.19
C ILE A 331 15.53 5.74 6.11
N LEU A 332 15.41 4.43 5.82
CA LEU A 332 14.59 3.53 6.56
C LEU A 332 15.59 2.56 7.22
N ASP A 333 15.91 2.74 8.49
CA ASP A 333 16.97 1.98 9.10
C ASP A 333 16.61 1.97 10.60
N THR A 334 16.61 0.75 11.16
CA THR A 334 16.47 0.56 12.60
C THR A 334 17.51 1.40 13.39
N ASN A 335 18.63 1.77 12.78
CA ASN A 335 19.67 2.57 13.43
C ASN A 335 19.56 4.10 13.20
N ILE A 336 18.58 4.55 12.43
CA ILE A 336 18.51 5.99 12.09
C ILE A 336 18.29 6.85 13.30
N TYR A 337 17.59 6.31 14.31
CA TYR A 337 17.43 6.97 15.61
C TYR A 337 17.93 6.05 16.68
N LYS A 338 18.46 6.62 17.76
CA LYS A 338 18.77 5.81 18.95
C LYS A 338 17.97 6.30 20.12
N LYS A 339 16.68 6.04 20.04
CA LYS A 339 15.78 6.48 21.10
C LYS A 339 15.96 5.77 22.41
N ASP A 340 16.24 4.47 22.39
CA ASP A 340 16.40 3.68 23.64
C ASP A 340 17.57 4.29 24.43
N ASP A 341 18.64 4.59 23.71
CA ASP A 341 19.81 5.19 24.34
C ASP A 341 19.46 6.57 24.91
N LEU A 342 18.73 7.39 24.14
CA LEU A 342 18.38 8.74 24.57
C LEU A 342 17.55 8.78 25.85
N PHE A 343 16.57 7.91 25.91
CA PHE A 343 15.66 7.88 27.04
C PHE A 343 16.02 6.84 28.15
N ASN A 344 17.12 6.16 27.99
CA ASN A 344 17.54 5.06 28.84
C ASN A 344 16.39 4.11 29.08
N THR A 345 15.71 3.69 28.01
CA THR A 345 14.47 2.91 28.15
C THR A 345 14.51 1.92 26.98
N ASP A 346 14.10 0.70 27.24
CA ASP A 346 14.04 -0.33 26.21
C ASP A 346 12.70 -0.23 25.54
N PHE A 347 12.70 -0.05 24.20
CA PHE A 347 11.47 0.13 23.43
C PHE A 347 11.22 -1.05 22.46
N THR A 348 11.96 -2.14 22.65
CA THR A 348 11.93 -3.35 21.78
C THR A 348 10.65 -4.09 21.85
N MSE A 349 10.10 -4.33 20.66
CA MSE A 349 9.04 -5.32 20.45
C MSE A 349 9.43 -6.20 19.26
O MSE A 349 10.19 -5.81 18.37
CB MSE A 349 7.73 -4.65 20.13
CG MSE A 349 7.30 -3.61 21.18
SE MSE A 349 5.56 -2.86 20.84
CE MSE A 349 4.26 -4.34 21.14
N THR A 350 8.97 -7.47 19.26
CA THR A 350 9.14 -8.28 18.12
C THR A 350 8.08 -7.92 17.05
N LYS A 351 8.30 -8.43 15.83
CA LYS A 351 7.40 -8.17 14.71
C LYS A 351 6.02 -8.73 15.04
N ALA A 352 5.97 -9.94 15.62
CA ALA A 352 4.69 -10.49 16.02
C ALA A 352 3.98 -9.66 17.06
N GLU A 353 4.74 -9.24 18.09
CA GLU A 353 4.11 -8.38 19.13
C GLU A 353 3.62 -7.06 18.51
N ARG A 354 4.40 -6.43 17.60
CA ARG A 354 3.90 -5.18 17.03
C ARG A 354 2.60 -5.33 16.23
N LEU A 355 2.44 -6.47 15.55
CA LEU A 355 1.17 -6.75 14.87
C LEU A 355 0.07 -6.96 15.84
N ASP A 356 0.28 -7.92 16.77
CA ASP A 356 -0.73 -8.34 17.69
C ASP A 356 -1.18 -7.17 18.56
N TYR A 357 -0.24 -6.26 18.89
CA TYR A 357 -0.58 -5.20 19.85
C TYR A 357 -0.85 -3.89 19.15
N GLY A 358 -1.02 -3.88 17.81
CA GLY A 358 -1.50 -2.63 17.18
C GLY A 358 -0.47 -1.53 16.94
N GLU A 359 0.77 -1.88 17.16
CA GLU A 359 1.88 -0.96 17.01
C GLU A 359 2.27 -0.79 15.52
N SER A 360 2.15 -1.84 14.69
CA SER A 360 2.63 -1.77 13.32
C SER A 360 1.76 -2.57 12.41
N LEU A 361 1.73 -2.20 11.14
CA LEU A 361 0.97 -2.89 10.07
C LEU A 361 1.39 -2.20 8.76
N MSE A 362 1.02 -2.72 7.58
N MSE A 362 0.84 -2.65 7.63
CA MSE A 362 1.37 -2.01 6.31
CA MSE A 362 1.10 -2.01 6.35
C MSE A 362 0.58 -0.73 6.24
C MSE A 362 0.49 -0.66 6.24
O MSE A 362 -0.61 -0.73 6.44
O MSE A 362 -0.69 -0.51 6.41
CB MSE A 362 1.11 -2.80 4.98
CB MSE A 362 0.48 -2.91 5.28
CG MSE A 362 1.09 -1.86 3.76
CG MSE A 362 1.04 -4.31 5.46
SE MSE A 362 0.72 -2.91 2.10
SE MSE A 362 1.08 -5.10 3.65
CE MSE A 362 1.13 -1.80 0.61
CE MSE A 362 -0.58 -6.21 3.72
N THR A 363 1.28 0.36 5.96
CA THR A 363 0.72 1.67 5.85
C THR A 363 1.07 2.32 4.48
N HIS A 364 2.03 1.77 3.75
CA HIS A 364 2.54 2.42 2.51
C HIS A 364 3.11 1.34 1.56
N ALA A 365 2.87 1.52 0.28
CA ALA A 365 3.36 0.60 -0.78
C ALA A 365 4.42 1.42 -1.53
N MSE A 366 5.51 0.74 -1.84
CA MSE A 366 6.60 1.29 -2.63
C MSE A 366 7.10 0.15 -3.51
O MSE A 366 6.50 -0.90 -3.59
CB MSE A 366 7.69 1.98 -1.75
CG MSE A 366 7.09 3.13 -0.94
SE MSE A 366 8.44 3.96 0.26
CE MSE A 366 8.62 2.51 1.57
N VAL A 367 8.26 0.36 -4.16
CA VAL A 367 8.83 -0.56 -5.09
C VAL A 367 10.36 -0.72 -4.76
N LEU A 368 10.78 -1.97 -4.62
CA LEU A 368 12.20 -2.32 -4.62
C LEU A 368 12.76 -2.30 -6.02
N THR A 369 13.83 -1.56 -6.18
CA THR A 369 14.54 -1.39 -7.48
C THR A 369 16.03 -1.70 -7.44
N GLY A 370 16.46 -2.31 -6.36
CA GLY A 370 17.89 -2.58 -6.16
C GLY A 370 18.06 -3.21 -4.79
N VAL A 371 19.21 -3.87 -4.64
CA VAL A 371 19.65 -4.52 -3.39
C VAL A 371 21.13 -4.62 -3.42
N ASP A 372 21.79 -4.25 -2.33
CA ASP A 372 23.23 -4.36 -2.19
C ASP A 372 23.43 -5.69 -1.50
N LEU A 373 24.23 -6.50 -2.20
CA LEU A 373 24.60 -7.83 -1.66
C LEU A 373 26.11 -7.83 -1.35
N VAL A 374 26.46 -8.05 -0.09
CA VAL A 374 27.85 -8.08 0.38
C VAL A 374 28.06 -9.46 1.03
N ASP A 375 29.08 -10.17 0.57
CA ASP A 375 29.28 -11.62 0.95
C ASP A 375 27.98 -12.45 0.79
N GLY A 376 27.27 -12.14 -0.27
CA GLY A 376 26.05 -12.89 -0.63
C GLY A 376 24.83 -12.58 0.21
N LYS A 377 24.91 -11.61 1.14
CA LYS A 377 23.73 -11.26 1.99
C LYS A 377 23.30 -9.79 1.73
N PRO A 378 21.99 -9.52 1.83
CA PRO A 378 21.54 -8.15 1.56
C PRO A 378 21.90 -7.20 2.70
N THR A 379 22.46 -6.03 2.41
CA THR A 379 22.69 -5.05 3.51
C THR A 379 21.69 -3.89 3.51
N LYS A 380 21.21 -3.57 2.30
CA LYS A 380 20.35 -2.45 2.05
C LYS A 380 19.66 -2.62 0.69
N TRP A 381 18.48 -1.99 0.59
CA TRP A 381 17.55 -2.16 -0.50
C TRP A 381 17.24 -0.77 -1.02
N LYS A 382 17.14 -0.68 -2.36
CA LYS A 382 16.82 0.55 -3.02
C LYS A 382 15.32 0.65 -3.26
N VAL A 383 14.77 1.79 -2.91
CA VAL A 383 13.31 1.93 -2.82
C VAL A 383 12.81 3.10 -3.65
N GLU A 384 11.97 2.80 -4.62
CA GLU A 384 11.31 3.87 -5.35
C GLU A 384 10.10 4.34 -4.62
N ASN A 385 10.12 5.63 -4.22
CA ASN A 385 8.96 6.21 -3.55
C ASN A 385 8.16 7.01 -4.55
N SER A 386 6.98 7.46 -4.13
CA SER A 386 6.00 8.17 -5.01
C SER A 386 5.60 9.51 -4.38
N TRP A 387 6.60 10.17 -3.78
CA TRP A 387 6.40 11.46 -3.13
C TRP A 387 7.12 12.57 -3.85
N GLY A 388 7.51 12.32 -5.11
CA GLY A 388 8.27 13.25 -5.95
C GLY A 388 9.74 13.30 -5.56
N GLU A 389 10.43 14.20 -6.21
CA GLU A 389 11.93 14.20 -6.21
CA GLU A 389 11.91 14.14 -6.18
C GLU A 389 12.60 14.97 -5.09
N LYS A 390 11.83 15.69 -4.29
CA LYS A 390 12.44 16.50 -3.24
C LYS A 390 12.60 15.85 -1.89
N VAL A 391 12.38 14.52 -1.82
CA VAL A 391 12.71 13.70 -0.65
C VAL A 391 13.66 12.63 -1.14
N GLY A 392 14.46 12.13 -0.21
CA GLY A 392 15.44 11.09 -0.45
C GLY A 392 16.41 11.54 -1.51
N GLU A 393 16.85 10.58 -2.30
CA GLU A 393 17.79 10.76 -3.41
C GLU A 393 17.00 10.81 -4.73
N LYS A 394 16.62 12.03 -5.15
CA LYS A 394 15.70 12.26 -6.25
C LYS A 394 14.44 11.44 -6.17
N GLY A 395 13.95 11.28 -4.97
CA GLY A 395 12.73 10.52 -4.67
C GLY A 395 12.85 9.02 -4.36
N TYR A 396 14.09 8.54 -4.36
CA TYR A 396 14.41 7.18 -3.95
C TYR A 396 14.89 7.12 -2.49
N PHE A 397 14.45 6.07 -1.84
CA PHE A 397 14.71 5.84 -0.41
C PHE A 397 15.71 4.64 -0.34
N VAL A 398 16.25 4.39 0.85
CA VAL A 398 17.13 3.27 1.09
C VAL A 398 16.66 2.64 2.38
N ALA A 399 16.57 1.28 2.41
CA ALA A 399 16.08 0.57 3.59
C ALA A 399 17.15 -0.41 3.99
N SER A 400 17.53 -0.40 5.28
CA SER A 400 18.52 -1.34 5.74
C SER A 400 17.87 -2.74 5.77
N ASP A 401 18.72 -3.78 5.73
CA ASP A 401 18.22 -5.14 5.81
C ASP A 401 17.53 -5.37 7.17
N ALA A 402 18.07 -4.78 8.27
CA ALA A 402 17.35 -4.90 9.55
C ALA A 402 15.98 -4.29 9.55
N TRP A 403 15.86 -3.12 8.91
CA TRP A 403 14.60 -2.48 8.76
C TRP A 403 13.63 -3.34 7.97
N PHE A 404 14.09 -3.88 6.86
CA PHE A 404 13.23 -4.75 5.98
C PHE A 404 12.69 -5.92 6.85
N ASP A 405 13.56 -6.54 7.63
CA ASP A 405 13.13 -7.65 8.51
C ASP A 405 11.98 -7.31 9.39
N GLN A 406 12.03 -6.13 9.97
CA GLN A 406 11.05 -5.75 10.92
C GLN A 406 9.79 -5.19 10.32
N PHE A 407 9.92 -4.35 9.27
CA PHE A 407 8.86 -3.46 8.90
C PHE A 407 8.26 -3.67 7.49
N VAL A 408 8.85 -4.57 6.74
CA VAL A 408 8.22 -4.99 5.48
C VAL A 408 7.32 -6.21 5.73
N TYR A 409 6.07 -6.11 5.29
CA TYR A 409 5.08 -7.13 5.47
C TYR A 409 4.61 -7.82 4.19
N GLN A 410 4.86 -7.24 3.02
N GLN A 410 4.74 -7.19 3.02
CA GLN A 410 4.36 -7.80 1.77
CA GLN A 410 4.23 -7.78 1.76
C GLN A 410 5.27 -7.52 0.61
C GLN A 410 5.19 -7.51 0.59
N VAL A 411 5.41 -8.53 -0.26
CA VAL A 411 6.07 -8.35 -1.56
C VAL A 411 5.17 -9.10 -2.59
N VAL A 412 5.14 -8.60 -3.81
CA VAL A 412 4.46 -9.25 -4.90
C VAL A 412 5.49 -9.88 -5.80
N ILE A 413 5.45 -11.23 -5.90
CA ILE A 413 6.42 -12.01 -6.65
C ILE A 413 5.78 -12.79 -7.84
N SER A 414 6.46 -12.84 -8.99
CA SER A 414 6.01 -13.72 -10.09
C SER A 414 6.15 -15.15 -9.66
N LYS A 415 5.04 -15.85 -9.81
CA LYS A 415 4.87 -17.26 -9.43
C LYS A 415 5.99 -18.18 -9.94
N LYS A 416 6.54 -17.86 -11.11
CA LYS A 416 7.60 -18.65 -11.66
C LYS A 416 8.89 -18.70 -10.81
N TYR A 417 9.05 -17.76 -9.86
CA TYR A 417 10.23 -17.76 -9.00
C TYR A 417 9.99 -18.61 -7.80
N LEU A 418 8.74 -19.06 -7.59
CA LEU A 418 8.36 -19.86 -6.43
C LEU A 418 8.69 -21.35 -6.62
N PRO A 419 9.15 -22.04 -5.56
CA PRO A 419 9.33 -23.48 -5.56
C PRO A 419 8.01 -24.16 -5.87
N ALA A 420 8.09 -25.33 -6.49
CA ALA A 420 6.87 -26.05 -6.85
C ALA A 420 5.91 -26.26 -5.70
N GLU A 421 6.45 -26.62 -4.54
CA GLU A 421 5.67 -26.82 -3.33
C GLU A 421 4.74 -25.60 -3.04
N LEU A 422 5.30 -24.41 -3.25
CA LEU A 422 4.51 -23.17 -3.02
C LEU A 422 3.59 -22.84 -4.17
N GLN A 423 3.98 -23.16 -5.40
CA GLN A 423 3.01 -23.11 -6.50
C GLN A 423 1.83 -23.98 -6.27
N ASP A 424 2.05 -25.12 -5.59
CA ASP A 424 0.96 -26.05 -5.27
C ASP A 424 0.05 -25.63 -4.15
N VAL A 425 0.65 -25.07 -3.08
CA VAL A 425 -0.16 -24.45 -2.04
C VAL A 425 -1.12 -23.46 -2.67
N ILE A 426 -0.61 -22.62 -3.56
CA ILE A 426 -1.49 -21.60 -4.14
C ILE A 426 -2.68 -22.24 -4.88
N LYS A 427 -2.38 -23.14 -5.79
CA LYS A 427 -3.47 -23.89 -6.53
C LYS A 427 -4.45 -24.65 -5.58
N ASN A 428 -3.89 -25.39 -4.61
CA ASN A 428 -4.72 -26.17 -3.65
C ASN A 428 -5.61 -25.36 -2.73
N GLU A 429 -5.16 -24.17 -2.29
CA GLU A 429 -5.91 -23.38 -1.34
C GLU A 429 -6.61 -22.21 -1.94
N TYR A 430 -6.47 -22.00 -3.23
CA TYR A 430 -7.05 -20.77 -3.82
C TYR A 430 -8.51 -20.57 -3.45
N ASP A 431 -9.36 -21.62 -3.52
CA ASP A 431 -10.81 -21.44 -3.23
C ASP A 431 -11.19 -21.58 -1.79
N LYS A 432 -10.26 -22.06 -0.95
CA LYS A 432 -10.52 -22.23 0.49
C LYS A 432 -9.43 -21.55 1.35
N PRO A 433 -9.17 -20.26 1.14
CA PRO A 433 -8.15 -19.65 2.00
C PRO A 433 -8.60 -19.56 3.49
N THR A 434 -7.66 -19.41 4.41
CA THR A 434 -8.02 -18.96 5.75
C THR A 434 -8.52 -17.49 5.72
N VAL A 435 -9.68 -17.27 6.30
CA VAL A 435 -10.37 -16.00 6.25
C VAL A 435 -10.01 -15.27 7.53
N LEU A 436 -9.24 -14.20 7.41
CA LEU A 436 -8.94 -13.34 8.54
C LEU A 436 -10.11 -12.40 8.78
N ALA A 437 -10.21 -11.92 10.01
CA ALA A 437 -11.19 -10.91 10.41
C ALA A 437 -10.98 -9.57 9.65
N PRO A 438 -12.05 -8.74 9.49
CA PRO A 438 -11.91 -7.49 8.68
C PRO A 438 -10.82 -6.50 9.14
N TRP A 439 -10.64 -6.50 10.46
CA TRP A 439 -9.78 -5.56 11.21
C TRP A 439 -8.43 -6.26 11.42
N ASP A 440 -8.21 -7.40 10.78
CA ASP A 440 -6.83 -7.97 10.77
C ASP A 440 -5.80 -7.00 10.27
N PRO A 441 -4.54 -7.05 10.83
CA PRO A 441 -3.61 -6.11 10.29
C PRO A 441 -3.23 -6.29 8.86
N MSE A 442 -3.32 -7.48 8.30
CA MSE A 442 -3.04 -7.66 6.87
C MSE A 442 -4.20 -7.26 5.95
O MSE A 442 -4.12 -7.46 4.73
CB MSE A 442 -2.77 -9.16 6.69
CG MSE A 442 -1.40 -9.62 7.28
SE MSE A 442 0.22 -8.79 6.72
CE MSE A 442 0.62 -7.84 8.39
N GLY A 443 -5.31 -6.87 6.56
CA GLY A 443 -6.42 -6.16 5.89
C GLY A 443 -6.16 -4.66 5.71
N ALA A 444 -5.02 -4.20 6.26
CA ALA A 444 -4.59 -2.81 6.13
C ALA A 444 -4.49 -2.52 4.63
N LEU A 445 -5.01 -1.35 4.32
CA LEU A 445 -4.98 -0.82 2.99
C LEU A 445 -3.94 0.32 3.04
N ALA A 446 -3.04 0.24 2.08
CA ALA A 446 -1.95 1.19 1.97
C ALA A 446 -2.15 2.11 0.80
C1 GOL B . 16.68 26.42 21.35
O1 GOL B . 17.73 27.12 20.75
C2 GOL B . 15.43 27.22 21.22
O2 GOL B . 15.42 28.33 22.12
C3 GOL B . 14.39 26.15 21.52
O3 GOL B . 13.21 26.74 21.99
C1 GOL C . 5.53 -6.88 -11.23
O1 GOL C . 6.18 -7.65 -12.25
C2 GOL C . 5.36 -7.64 -9.91
O2 GOL C . 6.32 -8.71 -9.71
C3 GOL C . 5.21 -6.67 -8.75
O3 GOL C . 6.03 -6.85 -7.61
C1 GOL D . 27.10 9.35 18.04
C1 GOL D . 26.87 9.20 17.25
O1 GOL D . 27.02 8.75 19.29
O1 GOL D . 27.21 8.94 18.60
C2 GOL D . 27.96 8.69 16.97
C2 GOL D . 28.03 9.38 16.29
O2 GOL D . 28.11 7.27 17.08
O2 GOL D . 28.91 8.23 16.22
C3 GOL D . 27.12 9.00 15.73
C3 GOL D . 27.29 9.67 14.99
O3 GOL D . 27.84 9.57 14.66
O3 GOL D . 25.94 10.14 15.27
C1 GOL E . 2.52 10.19 -23.26
O1 GOL E . 1.19 10.03 -23.79
C2 GOL E . 3.19 11.11 -24.26
O2 GOL E . 2.49 12.34 -24.03
C3 GOL E . 4.71 11.25 -24.08
O3 GOL E . 5.32 10.05 -23.53
C1 GOL F . 7.44 12.79 -13.26
O1 GOL F . 7.72 14.12 -13.67
C2 GOL F . 7.99 11.79 -14.28
O2 GOL F . 7.21 11.77 -15.50
C3 GOL F . 7.96 10.37 -13.73
O3 GOL F . 8.66 9.57 -14.68
C1 GOL G . -13.62 1.20 -21.73
O1 GOL G . -12.82 0.21 -22.46
C2 GOL G . -12.79 1.51 -20.50
O2 GOL G . -12.19 0.25 -20.08
C3 GOL G . -13.57 2.29 -19.43
O3 GOL G . -13.29 3.74 -19.42
C1 GOL H . 3.24 -12.04 19.52
O1 GOL H . 2.28 -11.33 20.29
C2 GOL H . 4.00 -13.18 20.21
O2 GOL H . 5.20 -12.58 20.72
C3 GOL H . 4.43 -14.31 19.26
O3 GOL H . 3.35 -15.06 18.66
C1 GOL I . -4.14 18.80 -10.07
O1 GOL I . -3.48 19.18 -8.87
C2 GOL I . -3.68 19.66 -11.23
O2 GOL I . -2.54 18.93 -11.75
C3 GOL I . -4.74 19.93 -12.34
O3 GOL I . -6.15 20.31 -12.04
#